data_2FN8
#
_entry.id   2FN8
#
_cell.length_a   72.070
_cell.length_b   98.242
_cell.length_c   131.099
_cell.angle_alpha   90.00
_cell.angle_beta   90.00
_cell.angle_gamma   90.00
#
_symmetry.space_group_name_H-M   'I 2 2 2'
#
loop_
_entity.id
_entity.type
_entity.pdbx_description
1 polymer 'ribose ABC transporter, periplasmic ribose-binding protein'
2 non-polymer beta-D-ribopyranose
3 water water
#
_entity_poly.entity_id   1
_entity_poly.type   'polypeptide(L)'
_entity_poly.pdbx_seq_one_letter_code
;MKGKMAIVISTLNNPWFVVLAETAKQRAEQLGYEATIFDSQNDTAKESAHFDAIIAAGYDAIIFNPTDADGSIANVKRAK
EAGIPVFCVDRGINARGLAVAQIYSDNYYGGVLMGEYFVKFLKEKYPDAKEIPYAELLGILSAQPTWDRSNGFHSVVDQY
PEFKMVAQQSAEFDRDTAYKVTEQILQAHPEIKAIWCGNDAMALGAMKACEAAGRTDIYIFGFDGAEDVINAIKEGKQIV
ATIMQFPKLMARLAVEWADQYLRGERSFPEIVPVTVELVTRENIDKYTAYGRKEEGSHHHHHH
;
_entity_poly.pdbx_strand_id   A
#
# COMPACT_ATOMS: atom_id res chain seq x y z
N LYS A 2 -21.92 -13.79 19.38
CA LYS A 2 -21.04 -12.75 18.78
C LYS A 2 -19.56 -13.00 19.19
N GLY A 3 -18.90 -12.01 19.77
CA GLY A 3 -17.48 -12.13 20.05
C GLY A 3 -16.84 -10.82 19.64
N LYS A 4 -15.53 -10.84 19.53
CA LYS A 4 -14.82 -9.62 19.19
C LYS A 4 -13.64 -9.88 18.29
N MET A 5 -13.39 -8.92 17.41
CA MET A 5 -12.28 -9.00 16.48
C MET A 5 -11.32 -7.88 16.74
N ALA A 6 -10.03 -8.22 16.73
CA ALA A 6 -8.97 -7.22 16.81
C ALA A 6 -8.54 -6.89 15.38
N ILE A 7 -8.44 -5.59 15.08
CA ILE A 7 -8.00 -5.12 13.79
C ILE A 7 -6.67 -4.42 13.94
N VAL A 8 -5.61 -5.15 13.66
CA VAL A 8 -4.26 -4.66 13.92
C VAL A 8 -3.64 -4.14 12.63
N ILE A 9 -3.42 -2.83 12.59
CA ILE A 9 -2.99 -2.11 11.39
C ILE A 9 -1.59 -1.53 11.55
N SER A 10 -0.82 -1.59 10.46
CA SER A 10 0.61 -1.17 10.47
C SER A 10 0.77 0.25 11.03
N THR A 11 0.00 1.17 10.48
CA THR A 11 -0.12 2.51 11.03
C THR A 11 -1.46 3.07 10.60
N LEU A 12 -2.01 3.97 11.42
CA LEU A 12 -3.13 4.84 11.04
C LEU A 12 -2.69 6.20 10.49
N ASN A 13 -1.38 6.47 10.48
CA ASN A 13 -0.86 7.68 9.86
C ASN A 13 -0.65 7.45 8.35
N ASN A 14 -1.78 7.19 7.70
CA ASN A 14 -1.89 6.89 6.28
C ASN A 14 -3.38 6.86 6.00
N PRO A 15 -3.88 7.83 5.21
CA PRO A 15 -5.32 7.87 4.89
C PRO A 15 -5.89 6.57 4.34
N TRP A 16 -5.08 5.83 3.60
CA TRP A 16 -5.47 4.56 3.03
C TRP A 16 -5.69 3.49 4.10
N PHE A 17 -4.83 3.45 5.11
CA PHE A 17 -5.02 2.49 6.17
C PHE A 17 -6.22 2.83 7.09
N VAL A 18 -6.57 4.11 7.18
CA VAL A 18 -7.76 4.52 7.94
C VAL A 18 -8.99 3.89 7.30
N VAL A 19 -9.06 3.95 5.97
CA VAL A 19 -10.16 3.34 5.22
C VAL A 19 -10.18 1.83 5.37
N LEU A 20 -9.01 1.20 5.28
CA LEU A 20 -8.92 -0.25 5.38
C LEU A 20 -9.41 -0.72 6.77
N ALA A 21 -8.89 -0.06 7.81
CA ALA A 21 -9.21 -0.40 9.21
C ALA A 21 -10.67 -0.18 9.58
N GLU A 22 -11.25 0.90 9.11
CA GLU A 22 -12.64 1.25 9.41
C GLU A 22 -13.66 0.39 8.65
N THR A 23 -13.29 -0.02 7.44
CA THR A 23 -14.14 -0.94 6.69
C THR A 23 -14.21 -2.27 7.43
N ALA A 24 -13.07 -2.75 7.90
CA ALA A 24 -13.01 -3.99 8.65
C ALA A 24 -13.83 -3.90 9.95
N LYS A 25 -13.61 -2.82 10.70
CA LYS A 25 -14.30 -2.60 11.97
C LYS A 25 -15.80 -2.57 11.74
N GLN A 26 -16.23 -1.79 10.76
CA GLN A 26 -17.64 -1.70 10.42
C GLN A 26 -18.23 -3.06 10.00
N ARG A 27 -17.52 -3.80 9.15
CA ARG A 27 -18.00 -5.11 8.71
C ARG A 27 -18.12 -6.14 9.87
N ALA A 28 -17.13 -6.15 10.76
CA ALA A 28 -17.20 -6.98 11.98
C ALA A 28 -18.46 -6.66 12.83
N GLU A 29 -18.69 -5.38 13.06
CA GLU A 29 -19.88 -4.88 13.75
C GLU A 29 -21.19 -5.22 13.05
N GLN A 30 -21.23 -5.09 11.72
CA GLN A 30 -22.41 -5.43 10.94
C GLN A 30 -22.76 -6.88 11.08
N LEU A 31 -21.74 -7.73 11.20
CA LEU A 31 -21.94 -9.16 11.44
C LEU A 31 -22.06 -9.50 12.93
N GLY A 32 -22.21 -8.50 13.79
CA GLY A 32 -22.52 -8.72 15.21
C GLY A 32 -21.35 -8.91 16.17
N TYR A 33 -20.13 -8.58 15.75
CA TYR A 33 -18.98 -8.61 16.65
C TYR A 33 -18.71 -7.24 17.23
N GLU A 34 -18.10 -7.22 18.40
CA GLU A 34 -17.37 -6.02 18.83
C GLU A 34 -16.05 -6.00 18.06
N ALA A 35 -15.54 -4.82 17.76
CA ALA A 35 -14.26 -4.75 17.07
C ALA A 35 -13.42 -3.57 17.49
N THR A 36 -12.12 -3.82 17.61
CA THR A 36 -11.17 -2.80 18.05
C THR A 36 -9.99 -2.69 17.09
N ILE A 37 -9.68 -1.47 16.72
CA ILE A 37 -8.52 -1.17 15.88
C ILE A 37 -7.32 -0.89 16.78
N PHE A 38 -6.20 -1.53 16.45
CA PHE A 38 -4.92 -1.36 17.15
C PHE A 38 -3.92 -0.77 16.17
N ASP A 39 -3.48 0.45 16.44
CA ASP A 39 -2.49 1.15 15.60
C ASP A 39 -1.08 0.79 16.05
N SER A 40 -0.35 0.06 15.19
CA SER A 40 1.01 -0.35 15.47
C SER A 40 2.06 0.77 15.29
N GLN A 41 1.69 1.84 14.57
CA GLN A 41 2.57 2.98 14.31
C GLN A 41 3.90 2.60 13.66
N ASN A 42 3.82 1.70 12.69
CA ASN A 42 4.98 1.22 11.95
C ASN A 42 6.08 0.55 12.82
N ASP A 43 5.72 0.10 14.01
CA ASP A 43 6.67 -0.37 15.01
C ASP A 43 6.30 -1.79 15.42
N THR A 44 7.15 -2.77 15.08
CA THR A 44 6.90 -4.16 15.40
C THR A 44 6.83 -4.43 16.92
N ALA A 45 7.51 -3.60 17.71
CA ALA A 45 7.44 -3.70 19.18
C ALA A 45 6.05 -3.32 19.69
N LYS A 46 5.48 -2.26 19.12
CA LYS A 46 4.12 -1.85 19.51
C LYS A 46 3.07 -2.86 19.08
N GLU A 47 3.24 -3.39 17.88
CA GLU A 47 2.47 -4.51 17.35
C GLU A 47 2.46 -5.73 18.30
N SER A 48 3.64 -6.09 18.80
CA SER A 48 3.77 -7.19 19.75
C SER A 48 3.05 -6.93 21.07
N ALA A 49 3.16 -5.71 21.58
CA ALA A 49 2.38 -5.30 22.75
C ALA A 49 0.87 -5.39 22.49
N HIS A 50 0.46 -5.05 21.27
CA HIS A 50 -0.97 -5.16 20.89
C HIS A 50 -1.38 -6.63 20.90
N PHE A 51 -0.53 -7.49 20.33
CA PHE A 51 -0.78 -8.93 20.30
C PHE A 51 -0.85 -9.54 21.71
N ASP A 52 0.02 -9.08 22.62
CA ASP A 52 -0.07 -9.50 24.05
C ASP A 52 -1.43 -9.13 24.63
N ALA A 53 -1.77 -7.86 24.51
CA ALA A 53 -3.05 -7.35 25.03
C ALA A 53 -4.28 -8.07 24.44
N ILE A 54 -4.24 -8.26 23.13
CA ILE A 54 -5.32 -8.95 22.42
C ILE A 54 -5.48 -10.39 22.91
N ILE A 55 -4.36 -11.08 23.10
CA ILE A 55 -4.36 -12.45 23.61
C ILE A 55 -4.94 -12.50 25.03
N ALA A 56 -4.50 -11.57 25.88
CA ALA A 56 -4.99 -11.45 27.24
C ALA A 56 -6.48 -11.13 27.30
N ALA A 57 -6.98 -10.32 26.36
CA ALA A 57 -8.40 -9.95 26.35
C ALA A 57 -9.28 -11.04 25.75
N GLY A 58 -8.68 -12.13 25.25
CA GLY A 58 -9.44 -13.25 24.70
C GLY A 58 -10.28 -12.86 23.48
N TYR A 59 -9.66 -12.14 22.54
CA TYR A 59 -10.30 -11.82 21.24
C TYR A 59 -10.52 -13.09 20.44
N ASP A 60 -11.52 -13.07 19.57
CA ASP A 60 -11.93 -14.27 18.86
C ASP A 60 -11.22 -14.47 17.52
N ALA A 61 -10.81 -13.37 16.91
CA ALA A 61 -10.10 -13.41 15.62
C ALA A 61 -9.28 -12.14 15.49
N ILE A 62 -8.21 -12.22 14.70
CA ILE A 62 -7.36 -11.07 14.40
C ILE A 62 -7.30 -10.84 12.90
N ILE A 63 -7.64 -9.61 12.52
CA ILE A 63 -7.51 -9.10 11.16
C ILE A 63 -6.20 -8.31 11.12
N PHE A 64 -5.20 -8.84 10.43
CA PHE A 64 -3.80 -8.40 10.62
C PHE A 64 -3.15 -7.81 9.37
N ASN A 65 -2.65 -6.58 9.51
CA ASN A 65 -1.78 -5.94 8.54
C ASN A 65 -0.36 -5.75 9.15
N PRO A 66 0.58 -6.68 8.84
CA PRO A 66 1.90 -6.72 9.48
C PRO A 66 2.86 -5.56 9.16
N THR A 67 3.59 -5.11 10.20
CA THR A 67 4.67 -4.15 10.07
C THR A 67 5.90 -4.77 9.40
N ASP A 68 6.06 -6.08 9.47
CA ASP A 68 7.28 -6.70 9.01
C ASP A 68 7.01 -8.12 8.57
N ALA A 69 7.21 -8.40 7.28
CA ALA A 69 6.85 -9.68 6.70
C ALA A 69 7.54 -10.88 7.37
N ASP A 70 8.71 -10.64 7.95
CA ASP A 70 9.43 -11.68 8.71
C ASP A 70 9.25 -11.55 10.19
N GLY A 71 9.44 -10.34 10.71
CA GLY A 71 9.36 -10.08 12.14
C GLY A 71 7.98 -10.20 12.76
N SER A 72 6.93 -9.95 11.99
CA SER A 72 5.54 -10.07 12.49
C SER A 72 5.09 -11.55 12.62
N ILE A 73 5.88 -12.48 12.12
CA ILE A 73 5.52 -13.90 12.19
C ILE A 73 5.41 -14.43 13.64
N ALA A 74 6.29 -13.98 14.52
CA ALA A 74 6.28 -14.44 15.91
C ALA A 74 5.03 -13.97 16.67
N ASN A 75 4.52 -12.80 16.29
CA ASN A 75 3.22 -12.34 16.79
C ASN A 75 2.06 -13.26 16.35
N VAL A 76 2.06 -13.64 15.07
CA VAL A 76 1.03 -14.53 14.52
C VAL A 76 1.07 -15.90 15.21
N LYS A 77 2.28 -16.44 15.31
CA LYS A 77 2.57 -17.69 16.01
C LYS A 77 2.01 -17.68 17.44
N ARG A 78 2.29 -16.60 18.18
CA ARG A 78 1.74 -16.45 19.51
C ARG A 78 0.23 -16.45 19.58
N ALA A 79 -0.42 -15.75 18.64
CA ALA A 79 -1.89 -15.76 18.55
C ALA A 79 -2.41 -17.18 18.27
N LYS A 80 -1.75 -17.86 17.34
CA LYS A 80 -2.12 -19.22 16.95
C LYS A 80 -2.00 -20.19 18.13
N GLU A 81 -0.86 -20.18 18.83
CA GLU A 81 -0.69 -20.94 20.07
C GLU A 81 -1.83 -20.66 21.06
N ALA A 82 -2.29 -19.41 21.11
CA ALA A 82 -3.39 -19.02 22.00
C ALA A 82 -4.79 -19.36 21.46
N GLY A 83 -4.84 -20.02 20.30
CA GLY A 83 -6.10 -20.38 19.65
C GLY A 83 -6.84 -19.25 18.97
N ILE A 84 -6.13 -18.17 18.61
CA ILE A 84 -6.76 -17.03 17.94
C ILE A 84 -6.37 -17.02 16.45
N PRO A 85 -7.36 -17.29 15.56
CA PRO A 85 -7.09 -17.29 14.13
C PRO A 85 -6.74 -15.90 13.59
N VAL A 86 -5.81 -15.86 12.65
CA VAL A 86 -5.27 -14.63 12.11
C VAL A 86 -5.51 -14.62 10.60
N PHE A 87 -6.02 -13.49 10.11
CA PHE A 87 -6.32 -13.27 8.70
C PHE A 87 -5.55 -12.04 8.24
N CYS A 88 -4.62 -12.22 7.32
CA CYS A 88 -3.79 -11.10 6.89
C CYS A 88 -4.48 -10.33 5.81
N VAL A 89 -4.36 -9.01 5.89
CA VAL A 89 -4.98 -8.11 4.94
C VAL A 89 -3.93 -7.11 4.47
N ASP A 90 -3.90 -6.90 3.16
CA ASP A 90 -3.02 -5.94 2.48
C ASP A 90 -1.53 -6.27 2.42
N ARG A 91 -0.98 -6.80 3.50
CA ARG A 91 0.37 -7.33 3.49
C ARG A 91 0.37 -8.77 3.96
N GLY A 92 1.27 -9.57 3.40
CA GLY A 92 1.45 -10.93 3.85
C GLY A 92 2.66 -11.11 4.72
N ILE A 93 2.80 -12.32 5.24
CA ILE A 93 3.95 -12.75 6.02
C ILE A 93 4.68 -13.85 5.28
N ASN A 94 5.98 -13.99 5.54
CA ASN A 94 6.81 -15.00 4.84
C ASN A 94 6.86 -16.33 5.60
N ALA A 95 5.68 -16.96 5.72
CA ALA A 95 5.48 -18.17 6.55
C ALA A 95 4.68 -19.26 5.79
N ARG A 96 3.77 -19.89 6.52
CA ARG A 96 2.38 -20.30 6.08
C ARG A 96 1.69 -21.04 7.27
N GLY A 97 0.44 -21.51 7.13
CA GLY A 97 -0.29 -22.23 8.25
C GLY A 97 -0.66 -21.38 9.48
N LEU A 98 0.21 -20.41 9.77
CA LEU A 98 0.08 -19.49 10.87
C LEU A 98 -1.03 -18.46 10.65
N ALA A 99 -1.22 -18.03 9.41
CA ALA A 99 -2.40 -17.26 9.00
C ALA A 99 -3.38 -18.19 8.30
N VAL A 100 -4.67 -18.09 8.62
CA VAL A 100 -5.69 -18.85 7.89
C VAL A 100 -5.71 -18.45 6.40
N ALA A 101 -5.60 -17.15 6.15
CA ALA A 101 -5.65 -16.60 4.82
C ALA A 101 -4.93 -15.26 4.81
N GLN A 102 -4.36 -14.92 3.65
CA GLN A 102 -3.77 -13.61 3.40
C GLN A 102 -4.43 -13.05 2.14
N ILE A 103 -5.06 -11.89 2.28
CA ILE A 103 -5.72 -11.21 1.16
C ILE A 103 -5.03 -9.87 0.92
N TYR A 104 -4.45 -9.71 -0.26
CA TYR A 104 -3.82 -8.45 -0.59
C TYR A 104 -3.75 -8.27 -2.10
N SER A 105 -3.36 -7.07 -2.53
CA SER A 105 -3.39 -6.77 -3.96
C SER A 105 -2.37 -7.54 -4.77
N ASP A 106 -2.59 -7.57 -6.08
CA ASP A 106 -1.59 -8.05 -7.03
C ASP A 106 -0.62 -6.90 -7.31
N ASN A 107 0.29 -6.71 -6.35
CA ASN A 107 1.20 -5.58 -6.34
C ASN A 107 2.29 -5.59 -7.42
N TYR A 108 2.78 -6.78 -7.77
CA TYR A 108 3.70 -6.90 -8.90
C TYR A 108 3.02 -6.40 -10.18
N TYR A 109 1.78 -6.84 -10.40
CA TYR A 109 1.05 -6.44 -11.61
C TYR A 109 0.73 -4.96 -11.63
N GLY A 110 0.41 -4.39 -10.46
CA GLY A 110 0.29 -2.93 -10.32
C GLY A 110 1.55 -2.21 -10.76
N GLY A 111 2.71 -2.69 -10.31
CA GLY A 111 4.01 -2.18 -10.73
C GLY A 111 4.23 -2.25 -12.25
N VAL A 112 3.82 -3.36 -12.85
CA VAL A 112 3.91 -3.56 -14.30
C VAL A 112 3.00 -2.58 -15.02
N LEU A 113 1.76 -2.46 -14.57
CA LEU A 113 0.84 -1.48 -15.14
C LEU A 113 1.41 -0.05 -15.13
N MET A 114 2.07 0.31 -14.04
CA MET A 114 2.62 1.66 -13.91
C MET A 114 3.92 1.83 -14.68
N GLY A 115 4.78 0.82 -14.68
CA GLY A 115 5.98 0.85 -15.51
C GLY A 115 5.64 1.13 -16.97
N GLU A 116 4.66 0.41 -17.49
CA GLU A 116 4.13 0.61 -18.84
C GLU A 116 3.65 2.03 -19.09
N TYR A 117 2.82 2.55 -18.20
CA TYR A 117 2.26 3.88 -18.40
C TYR A 117 3.32 4.99 -18.22
N PHE A 118 4.27 4.73 -17.32
CA PHE A 118 5.44 5.56 -17.08
C PHE A 118 6.21 5.75 -18.38
N VAL A 119 6.61 4.64 -19.00
CA VAL A 119 7.28 4.64 -20.32
C VAL A 119 6.46 5.37 -21.39
N LYS A 120 5.22 4.93 -21.56
CA LYS A 120 4.29 5.53 -22.52
C LYS A 120 4.08 7.04 -22.36
N PHE A 121 3.68 7.47 -21.17
CA PHE A 121 3.48 8.91 -20.87
C PHE A 121 4.73 9.76 -21.18
N LEU A 122 5.91 9.24 -20.82
CA LEU A 122 7.14 10.01 -20.83
C LEU A 122 7.82 10.03 -22.19
N LYS A 123 7.73 8.93 -22.95
CA LYS A 123 8.25 8.93 -24.32
C LYS A 123 7.41 9.89 -25.15
N GLU A 124 6.13 9.97 -24.82
CA GLU A 124 5.27 10.91 -25.48
C GLU A 124 5.66 12.37 -25.14
N LYS A 125 6.09 12.64 -23.91
CA LYS A 125 6.46 14.00 -23.51
C LYS A 125 7.86 14.35 -24.00
N TYR A 126 8.73 13.34 -24.07
CA TYR A 126 10.13 13.52 -24.45
C TYR A 126 10.56 12.49 -25.52
N PRO A 127 10.04 12.61 -26.75
CA PRO A 127 10.32 11.61 -27.80
C PRO A 127 11.80 11.52 -28.24
N ASP A 128 12.46 12.67 -28.26
CA ASP A 128 13.84 12.75 -28.76
C ASP A 128 14.89 12.56 -27.66
N ALA A 129 14.48 12.68 -26.39
CA ALA A 129 15.43 12.64 -25.27
C ALA A 129 16.33 11.40 -25.30
N LYS A 130 17.62 11.61 -25.08
CA LYS A 130 18.58 10.50 -25.06
C LYS A 130 18.62 9.85 -23.67
N GLU A 131 18.39 10.67 -22.66
CA GLU A 131 18.11 10.21 -21.30
C GLU A 131 16.86 10.89 -20.75
N ILE A 132 16.02 10.10 -20.10
CA ILE A 132 14.96 10.59 -19.22
C ILE A 132 15.36 10.15 -17.81
N PRO A 133 16.01 11.06 -17.04
CA PRO A 133 16.41 10.70 -15.67
C PRO A 133 15.21 10.71 -14.72
N TYR A 134 15.20 9.81 -13.76
CA TYR A 134 14.08 9.73 -12.82
C TYR A 134 14.53 9.19 -11.47
N ALA A 135 13.64 9.35 -10.49
CA ALA A 135 13.87 8.90 -9.11
C ALA A 135 12.75 7.96 -8.67
N GLU A 136 13.10 7.02 -7.81
CA GLU A 136 12.11 6.14 -7.21
C GLU A 136 12.09 6.28 -5.72
N LEU A 137 10.88 6.41 -5.17
CA LEU A 137 10.67 6.38 -3.73
C LEU A 137 10.11 5.01 -3.37
N LEU A 138 10.88 4.30 -2.55
CA LEU A 138 10.52 2.97 -2.10
C LEU A 138 9.63 3.08 -0.87
N GLY A 139 8.75 2.09 -0.69
CA GLY A 139 7.97 2.00 0.54
C GLY A 139 8.79 1.51 1.72
N ILE A 140 8.09 1.10 2.77
CA ILE A 140 8.72 0.48 3.95
C ILE A 140 9.37 -0.85 3.51
N LEU A 141 10.66 -0.99 3.81
CA LEU A 141 11.46 -2.09 3.28
C LEU A 141 11.06 -3.45 3.80
N SER A 142 10.40 -3.49 4.95
CA SER A 142 9.95 -4.74 5.54
C SER A 142 8.52 -5.13 5.14
N ALA A 143 7.96 -4.43 4.14
CA ALA A 143 6.62 -4.69 3.60
C ALA A 143 6.70 -5.35 2.21
N GLN A 144 6.09 -6.52 2.04
CA GLN A 144 6.09 -7.22 0.73
C GLN A 144 5.72 -6.36 -0.48
N PRO A 145 4.64 -5.56 -0.38
CA PRO A 145 4.25 -4.70 -1.50
C PRO A 145 5.35 -3.77 -2.03
N THR A 146 6.25 -3.34 -1.15
CA THR A 146 7.31 -2.41 -1.52
C THR A 146 8.09 -3.00 -2.69
N TRP A 147 8.47 -4.26 -2.53
CA TRP A 147 9.33 -4.92 -3.49
C TRP A 147 8.57 -5.43 -4.70
N ASP A 148 7.35 -5.91 -4.48
CA ASP A 148 6.49 -6.37 -5.56
C ASP A 148 6.25 -5.27 -6.57
N ARG A 149 5.95 -4.08 -6.08
CA ARG A 149 5.70 -2.92 -6.93
C ARG A 149 6.95 -2.40 -7.62
N SER A 150 8.04 -2.29 -6.86
CA SER A 150 9.29 -1.83 -7.45
C SER A 150 9.77 -2.85 -8.48
N ASN A 151 9.78 -4.13 -8.12
CA ASN A 151 10.22 -5.17 -9.04
C ASN A 151 9.41 -5.15 -10.32
N GLY A 152 8.10 -4.98 -10.20
CA GLY A 152 7.21 -5.03 -11.36
C GLY A 152 7.39 -3.84 -12.26
N PHE A 153 7.52 -2.67 -11.63
CA PHE A 153 7.82 -1.42 -12.32
C PHE A 153 9.09 -1.57 -13.14
N HIS A 154 10.15 -2.04 -12.50
CA HIS A 154 11.45 -2.15 -13.14
C HIS A 154 11.45 -3.22 -14.24
N SER A 155 10.70 -4.30 -14.03
CA SER A 155 10.55 -5.33 -15.06
C SER A 155 10.20 -4.72 -16.41
N VAL A 156 9.47 -3.60 -16.40
CA VAL A 156 9.10 -2.92 -17.64
C VAL A 156 10.13 -1.85 -18.00
N VAL A 157 10.37 -0.92 -17.06
CA VAL A 157 11.10 0.30 -17.35
C VAL A 157 12.56 -0.01 -17.66
N ASP A 158 13.11 -1.06 -17.06
CA ASP A 158 14.51 -1.44 -17.31
C ASP A 158 14.77 -1.85 -18.78
N GLN A 159 13.72 -2.26 -19.49
CA GLN A 159 13.82 -2.63 -20.91
C GLN A 159 14.04 -1.42 -21.81
N TYR A 160 13.85 -0.22 -21.26
CA TYR A 160 13.96 1.04 -22.02
C TYR A 160 15.10 1.86 -21.46
N PRO A 161 16.31 1.70 -22.04
CA PRO A 161 17.51 2.28 -21.40
C PRO A 161 17.64 3.80 -21.48
N GLU A 162 16.79 4.48 -22.25
CA GLU A 162 16.69 5.95 -22.17
C GLU A 162 16.40 6.42 -20.75
N PHE A 163 15.70 5.57 -19.99
CA PHE A 163 15.31 5.86 -18.62
C PHE A 163 16.43 5.49 -17.67
N LYS A 164 16.83 6.48 -16.87
CA LYS A 164 17.97 6.34 -15.97
C LYS A 164 17.55 6.67 -14.53
N MET A 165 17.62 5.69 -13.65
CA MET A 165 17.23 5.89 -12.28
C MET A 165 18.42 6.44 -11.53
N VAL A 166 18.37 7.74 -11.25
CA VAL A 166 19.52 8.46 -10.70
C VAL A 166 19.49 8.53 -9.18
N ALA A 167 18.36 8.10 -8.60
CA ALA A 167 18.15 8.12 -7.15
C ALA A 167 17.06 7.11 -6.75
N GLN A 168 17.30 6.41 -5.66
CA GLN A 168 16.33 5.45 -5.15
C GLN A 168 16.47 5.41 -3.64
N GLN A 169 15.36 5.64 -2.94
CA GLN A 169 15.38 5.76 -1.49
C GLN A 169 13.99 5.50 -0.92
N SER A 170 13.95 4.84 0.22
CA SER A 170 12.69 4.62 0.93
C SER A 170 12.23 5.94 1.53
N ALA A 171 10.96 6.31 1.33
CA ALA A 171 10.33 7.37 2.11
C ALA A 171 9.24 6.83 3.06
N GLU A 172 9.36 5.55 3.41
CA GLU A 172 8.60 4.88 4.47
C GLU A 172 7.07 4.95 4.31
N PHE A 173 6.61 4.96 3.06
CA PHE A 173 5.20 5.08 2.74
C PHE A 173 4.58 6.33 3.39
N ASP A 174 5.38 7.36 3.61
CA ASP A 174 4.98 8.49 4.45
C ASP A 174 5.09 9.80 3.72
N ARG A 175 4.05 10.61 3.84
CA ARG A 175 4.04 11.91 3.18
C ARG A 175 5.18 12.86 3.60
N ASP A 176 5.30 13.16 4.90
CA ASP A 176 6.32 14.10 5.35
C ASP A 176 7.72 13.59 5.11
N THR A 177 7.93 12.28 5.25
CA THR A 177 9.21 11.67 4.91
C THR A 177 9.51 11.85 3.42
N ALA A 178 8.52 11.60 2.58
CA ALA A 178 8.69 11.77 1.13
C ALA A 178 9.02 13.21 0.80
N TYR A 179 8.43 14.15 1.52
CA TYR A 179 8.74 15.56 1.30
C TYR A 179 10.23 15.83 1.52
N LYS A 180 10.75 15.47 2.69
CA LYS A 180 12.17 15.66 3.01
C LYS A 180 13.13 14.90 2.10
N VAL A 181 12.77 13.68 1.76
CA VAL A 181 13.59 12.86 0.89
C VAL A 181 13.64 13.48 -0.51
N THR A 182 12.49 13.90 -1.03
CA THR A 182 12.41 14.47 -2.37
C THR A 182 13.17 15.82 -2.47
N GLU A 183 13.04 16.65 -1.44
CA GLU A 183 13.75 17.91 -1.29
C GLU A 183 15.27 17.67 -1.41
N GLN A 184 15.76 16.65 -0.74
CA GLN A 184 17.17 16.26 -0.85
C GLN A 184 17.52 15.71 -2.26
N ILE A 185 16.63 14.90 -2.84
CA ILE A 185 16.86 14.34 -4.18
C ILE A 185 16.93 15.42 -5.28
N LEU A 186 16.07 16.43 -5.15
CA LEU A 186 16.00 17.54 -6.11
C LEU A 186 17.26 18.41 -6.10
N GLN A 187 17.84 18.58 -4.92
CA GLN A 187 19.11 19.29 -4.79
C GLN A 187 20.24 18.51 -5.46
N ALA A 188 20.27 17.19 -5.23
CA ALA A 188 21.35 16.34 -5.73
C ALA A 188 21.17 15.90 -7.17
N HIS A 189 19.95 15.91 -7.68
CA HIS A 189 19.70 15.51 -9.03
C HIS A 189 18.58 16.35 -9.64
N PRO A 190 18.90 17.60 -10.01
CA PRO A 190 17.91 18.51 -10.60
C PRO A 190 17.48 18.08 -12.01
N GLU A 191 18.26 17.21 -12.65
CA GLU A 191 17.93 16.70 -13.98
C GLU A 191 16.75 15.71 -14.05
N ILE A 192 16.20 15.25 -12.92
CA ILE A 192 15.08 14.31 -12.99
C ILE A 192 13.85 14.94 -13.64
N LYS A 193 13.16 14.13 -14.45
CA LYS A 193 11.94 14.55 -15.13
C LYS A 193 10.68 13.84 -14.58
N ALA A 194 10.89 12.89 -13.68
CA ALA A 194 9.79 12.11 -13.11
C ALA A 194 10.18 11.43 -11.81
N ILE A 195 9.16 11.17 -10.99
CA ILE A 195 9.29 10.39 -9.76
C ILE A 195 8.18 9.32 -9.73
N TRP A 196 8.62 8.08 -9.53
CA TRP A 196 7.72 6.96 -9.34
C TRP A 196 7.79 6.65 -7.86
N CYS A 197 6.60 6.54 -7.24
CA CYS A 197 6.50 6.33 -5.79
C CYS A 197 5.64 5.12 -5.46
N GLY A 198 6.14 4.31 -4.52
CA GLY A 198 5.49 3.08 -4.06
C GLY A 198 4.13 3.22 -3.41
N ASN A 199 3.78 4.44 -2.96
CA ASN A 199 2.41 4.72 -2.55
C ASN A 199 2.04 6.18 -2.76
N ASP A 200 0.76 6.45 -2.57
CA ASP A 200 0.19 7.76 -2.81
C ASP A 200 0.65 8.82 -1.79
N ALA A 201 0.82 8.46 -0.52
CA ALA A 201 1.35 9.40 0.49
C ALA A 201 2.73 9.93 0.08
N MET A 202 3.60 9.05 -0.39
CA MET A 202 4.90 9.48 -0.89
C MET A 202 4.76 10.37 -2.14
N ALA A 203 3.83 10.03 -3.04
CA ALA A 203 3.55 10.87 -4.21
C ALA A 203 3.19 12.29 -3.81
N LEU A 204 2.33 12.40 -2.79
CA LEU A 204 1.90 13.69 -2.29
C LEU A 204 3.04 14.50 -1.63
N GLY A 205 3.90 13.85 -0.86
CA GLY A 205 5.06 14.50 -0.27
C GLY A 205 6.05 14.97 -1.33
N ALA A 206 6.31 14.09 -2.30
CA ALA A 206 7.12 14.43 -3.46
C ALA A 206 6.57 15.63 -4.22
N MET A 207 5.26 15.68 -4.40
CA MET A 207 4.64 16.79 -5.10
C MET A 207 4.82 18.09 -4.33
N LYS A 208 4.52 18.07 -3.04
CA LYS A 208 4.70 19.24 -2.19
C LYS A 208 6.15 19.77 -2.29
N ALA A 209 7.13 18.87 -2.27
CA ALA A 209 8.55 19.23 -2.43
C ALA A 209 8.86 19.82 -3.81
N CYS A 210 8.28 19.24 -4.86
CA CYS A 210 8.51 19.72 -6.21
C CYS A 210 7.90 21.08 -6.39
N GLU A 211 6.69 21.26 -5.87
CA GLU A 211 6.04 22.56 -5.96
C GLU A 211 6.79 23.65 -5.19
N ALA A 212 7.32 23.30 -4.02
CA ALA A 212 8.07 24.24 -3.19
C ALA A 212 9.31 24.77 -3.91
N ALA A 213 9.93 23.91 -4.72
CA ALA A 213 11.11 24.28 -5.51
C ALA A 213 10.77 24.90 -6.87
N GLY A 214 9.48 25.11 -7.14
CA GLY A 214 9.04 25.59 -8.45
C GLY A 214 9.13 24.55 -9.55
N ARG A 215 9.26 23.27 -9.21
CA ARG A 215 9.45 22.20 -10.20
C ARG A 215 8.17 21.40 -10.51
N THR A 216 7.18 22.13 -11.03
CA THR A 216 5.87 21.57 -11.35
C THR A 216 5.87 20.82 -12.69
N ASP A 217 7.04 20.75 -13.32
CA ASP A 217 7.27 20.02 -14.57
C ASP A 217 7.56 18.54 -14.32
N ILE A 218 7.88 18.19 -13.08
CA ILE A 218 8.21 16.81 -12.77
C ILE A 218 6.93 16.00 -12.65
N TYR A 219 6.81 14.98 -13.51
CA TYR A 219 5.68 14.07 -13.53
C TYR A 219 5.81 13.01 -12.45
N ILE A 220 4.79 12.91 -11.62
CA ILE A 220 4.81 11.98 -10.49
C ILE A 220 3.75 10.87 -10.68
N PHE A 221 4.17 9.65 -10.31
CA PHE A 221 3.42 8.41 -10.50
C PHE A 221 3.34 7.69 -9.15
N GLY A 222 2.11 7.39 -8.71
CA GLY A 222 1.86 6.83 -7.37
C GLY A 222 1.25 5.45 -7.35
N PHE A 223 0.72 5.08 -6.17
CA PHE A 223 0.08 3.78 -5.94
C PHE A 223 -0.86 3.86 -4.74
N ASP A 224 -2.15 3.63 -4.98
CA ASP A 224 -3.15 3.31 -3.96
C ASP A 224 -4.56 3.65 -4.43
N GLY A 225 -4.72 4.84 -5.01
CA GLY A 225 -6.03 5.43 -5.31
C GLY A 225 -6.60 6.20 -4.12
N ALA A 226 -5.71 6.80 -3.30
CA ALA A 226 -6.13 7.54 -2.11
C ALA A 226 -6.68 8.92 -2.48
N GLU A 227 -7.40 9.50 -1.53
CA GLU A 227 -8.22 10.67 -1.76
C GLU A 227 -7.50 11.82 -2.43
N ASP A 228 -6.39 12.24 -1.85
CA ASP A 228 -5.71 13.42 -2.37
C ASP A 228 -4.96 13.17 -3.67
N VAL A 229 -4.66 11.92 -4.00
CA VAL A 229 -4.03 11.63 -5.30
C VAL A 229 -5.09 11.59 -6.39
N ILE A 230 -6.27 11.04 -6.09
CA ILE A 230 -7.38 11.11 -7.03
C ILE A 230 -7.67 12.58 -7.35
N ASN A 231 -7.83 13.38 -6.30
CA ASN A 231 -7.99 14.82 -6.43
C ASN A 231 -6.90 15.50 -7.26
N ALA A 232 -5.63 15.28 -6.92
CA ALA A 232 -4.50 15.81 -7.69
C ALA A 232 -4.58 15.52 -9.19
N ILE A 233 -4.78 14.23 -9.53
CA ILE A 233 -4.89 13.81 -10.92
C ILE A 233 -6.04 14.54 -11.58
N LYS A 234 -7.19 14.51 -10.91
CA LYS A 234 -8.42 15.16 -11.36
C LYS A 234 -8.22 16.67 -11.59
N GLU A 235 -7.51 17.34 -10.67
CA GLU A 235 -7.25 18.79 -10.81
C GLU A 235 -6.16 19.13 -11.81
N GLY A 236 -5.55 18.13 -12.45
CA GLY A 236 -4.53 18.37 -13.48
C GLY A 236 -3.16 18.69 -12.92
N LYS A 237 -2.94 18.39 -11.64
CA LYS A 237 -1.64 18.60 -11.00
C LYS A 237 -0.60 17.65 -11.56
N GLN A 238 0.65 17.76 -11.10
CA GLN A 238 1.76 16.99 -11.66
C GLN A 238 1.85 15.49 -11.28
N ILE A 239 0.97 15.03 -10.40
CA ILE A 239 0.73 13.59 -10.19
C ILE A 239 -0.27 13.23 -11.30
N VAL A 240 0.19 12.39 -12.22
CA VAL A 240 -0.54 12.08 -13.44
C VAL A 240 -1.13 10.67 -13.45
N ALA A 241 -0.72 9.82 -12.52
CA ALA A 241 -1.27 8.47 -12.46
C ALA A 241 -1.07 7.79 -11.10
N THR A 242 -1.93 6.80 -10.85
CA THR A 242 -1.81 5.92 -9.69
C THR A 242 -2.38 4.54 -10.03
N ILE A 243 -2.22 3.60 -9.10
CA ILE A 243 -2.83 2.27 -9.22
C ILE A 243 -3.90 2.18 -8.18
N MET A 244 -5.14 1.95 -8.59
CA MET A 244 -6.24 1.77 -7.64
C MET A 244 -6.24 0.39 -6.99
N GLN A 245 -6.13 0.38 -5.67
CA GLN A 245 -6.38 -0.80 -4.87
C GLN A 245 -7.80 -0.75 -4.34
N PHE A 246 -8.25 -1.89 -3.79
CA PHE A 246 -9.62 -2.04 -3.34
C PHE A 246 -9.68 -2.49 -1.88
N PRO A 247 -9.28 -1.60 -0.96
CA PRO A 247 -9.20 -1.91 0.46
C PRO A 247 -10.53 -2.31 1.07
N LYS A 248 -11.62 -1.72 0.57
CA LYS A 248 -12.94 -2.06 1.03
C LYS A 248 -13.33 -3.53 0.74
N LEU A 249 -12.95 -4.03 -0.42
CA LEU A 249 -13.10 -5.45 -0.72
C LEU A 249 -12.19 -6.32 0.19
N MET A 250 -10.93 -5.96 0.29
CA MET A 250 -9.96 -6.71 1.08
C MET A 250 -10.43 -6.86 2.51
N ALA A 251 -10.78 -5.74 3.14
CA ALA A 251 -11.23 -5.72 4.53
C ALA A 251 -12.49 -6.53 4.72
N ARG A 252 -13.43 -6.37 3.81
CA ARG A 252 -14.68 -7.09 3.88
C ARG A 252 -14.50 -8.61 3.80
N LEU A 253 -13.71 -9.07 2.84
CA LEU A 253 -13.47 -10.51 2.70
C LEU A 253 -12.80 -11.08 3.96
N ALA A 254 -11.79 -10.37 4.46
CA ALA A 254 -11.03 -10.82 5.66
C ALA A 254 -11.94 -11.00 6.89
N VAL A 255 -12.83 -10.05 7.14
CA VAL A 255 -13.78 -10.15 8.25
C VAL A 255 -14.84 -11.25 8.00
N GLU A 256 -15.40 -11.31 6.79
CA GLU A 256 -16.39 -12.36 6.47
C GLU A 256 -15.81 -13.75 6.65
N TRP A 257 -14.56 -13.94 6.24
CA TRP A 257 -13.86 -15.22 6.38
C TRP A 257 -13.53 -15.56 7.83
N ALA A 258 -13.17 -14.56 8.63
CA ALA A 258 -13.01 -14.76 10.07
C ALA A 258 -14.32 -15.24 10.74
N ASP A 259 -15.43 -14.60 10.40
CA ASP A 259 -16.74 -15.03 10.86
C ASP A 259 -17.04 -16.47 10.42
N GLN A 260 -16.76 -16.77 9.15
CA GLN A 260 -17.05 -18.10 8.58
C GLN A 260 -16.18 -19.15 9.24
N TYR A 261 -14.91 -18.83 9.40
CA TYR A 261 -13.99 -19.66 10.18
C TYR A 261 -14.51 -19.94 11.59
N LEU A 262 -14.94 -18.91 12.30
CA LEU A 262 -15.41 -19.05 13.68
C LEU A 262 -16.68 -19.90 13.82
N ARG A 263 -17.35 -20.24 12.73
CA ARG A 263 -18.45 -21.19 12.80
C ARG A 263 -18.12 -22.48 12.05
N GLY A 264 -16.85 -22.70 11.75
CA GLY A 264 -16.37 -24.00 11.30
C GLY A 264 -15.89 -24.11 9.86
N GLU A 265 -16.09 -23.09 9.05
CA GLU A 265 -15.63 -23.14 7.66
C GLU A 265 -14.10 -23.26 7.64
N ARG A 266 -13.59 -24.20 6.84
CA ARG A 266 -12.15 -24.49 6.86
C ARG A 266 -11.46 -24.44 5.51
N SER A 267 -12.22 -24.28 4.45
CA SER A 267 -11.59 -24.06 3.17
C SER A 267 -11.68 -22.60 2.74
N PHE A 268 -10.56 -21.93 3.01
CA PHE A 268 -10.20 -20.68 2.36
C PHE A 268 -8.85 -20.95 1.77
N PRO A 269 -8.53 -20.28 0.65
CA PRO A 269 -7.20 -20.38 0.09
C PRO A 269 -6.23 -19.62 1.00
N GLU A 270 -4.96 -19.99 1.02
CA GLU A 270 -4.00 -19.30 1.88
C GLU A 270 -3.65 -17.88 1.38
N ILE A 271 -3.55 -17.73 0.06
CA ILE A 271 -3.27 -16.44 -0.57
C ILE A 271 -4.36 -16.08 -1.57
N VAL A 272 -4.97 -14.91 -1.42
CA VAL A 272 -5.93 -14.36 -2.40
C VAL A 272 -5.39 -13.04 -2.95
N PRO A 273 -4.96 -13.03 -4.22
CA PRO A 273 -4.59 -11.74 -4.83
C PRO A 273 -5.84 -10.96 -5.30
N VAL A 274 -5.88 -9.67 -4.98
CA VAL A 274 -6.96 -8.79 -5.36
C VAL A 274 -6.48 -7.94 -6.53
N THR A 275 -7.33 -7.77 -7.54
CA THR A 275 -6.92 -7.06 -8.72
C THR A 275 -6.82 -5.56 -8.46
N VAL A 276 -6.03 -4.92 -9.29
CA VAL A 276 -5.79 -3.48 -9.21
C VAL A 276 -6.05 -2.91 -10.60
N GLU A 277 -6.20 -1.59 -10.69
CA GLU A 277 -6.38 -0.94 -11.98
C GLU A 277 -5.55 0.34 -12.13
N LEU A 278 -5.19 0.64 -13.36
CA LEU A 278 -4.45 1.87 -13.69
C LEU A 278 -5.39 3.06 -13.78
N VAL A 279 -5.04 4.10 -13.01
CA VAL A 279 -5.73 5.39 -13.02
C VAL A 279 -4.82 6.46 -13.67
N THR A 280 -5.39 7.20 -14.62
CA THR A 280 -4.67 8.21 -15.40
C THR A 280 -5.57 9.44 -15.60
N ARG A 281 -5.00 10.44 -16.26
CA ARG A 281 -5.76 11.60 -16.69
C ARG A 281 -6.87 11.22 -17.69
N GLU A 282 -6.62 10.17 -18.45
CA GLU A 282 -7.53 9.77 -19.50
C GLU A 282 -8.76 9.03 -18.96
N ASN A 283 -8.69 8.47 -17.74
CA ASN A 283 -9.82 7.70 -17.18
C ASN A 283 -10.27 8.09 -15.77
N ILE A 284 -9.76 9.23 -15.27
CA ILE A 284 -9.96 9.62 -13.87
C ILE A 284 -11.44 9.68 -13.45
N ASP A 285 -12.32 10.01 -14.38
CA ASP A 285 -13.74 10.18 -14.04
C ASP A 285 -14.46 8.88 -13.67
N LYS A 286 -13.84 7.74 -13.97
CA LYS A 286 -14.38 6.44 -13.59
C LYS A 286 -14.05 6.09 -12.15
N TYR A 287 -13.20 6.89 -11.51
CA TYR A 287 -12.72 6.60 -10.16
C TYR A 287 -13.08 7.66 -9.14
N THR A 288 -13.21 7.20 -7.91
CA THR A 288 -13.38 8.06 -6.74
C THR A 288 -12.26 7.65 -5.77
N ALA A 289 -12.16 8.31 -4.64
CA ALA A 289 -11.27 7.89 -3.57
C ALA A 289 -11.56 6.43 -3.13
N TYR A 290 -10.53 5.58 -3.18
CA TYR A 290 -10.58 4.21 -2.63
C TYR A 290 -11.38 3.17 -3.44
N GLY A 291 -11.84 3.53 -4.63
CA GLY A 291 -12.55 2.60 -5.46
C GLY A 291 -13.05 3.18 -6.77
N ARG A 292 -13.95 2.43 -7.42
CA ARG A 292 -14.58 2.86 -8.65
C ARG A 292 -15.82 3.68 -8.41
N LYS A 293 -16.02 4.70 -9.26
CA LYS A 293 -17.35 5.10 -9.83
C LYS A 293 -17.38 6.50 -10.47
#